data_1DIL
#
_entry.id   1DIL
#
_cell.length_a   47.400
_cell.length_b   82.300
_cell.length_c   91.700
_cell.angle_alpha   90.00
_cell.angle_beta   90.00
_cell.angle_gamma   90.00
#
_symmetry.space_group_name_H-M   'P 21 21 21'
#
loop_
_entity.id
_entity.type
_entity.pdbx_description
1 polymer SIALIDASE
2 non-polymer (1R)-4-acetamido-1,5-anhydro-2,4-dideoxy-1-phosphono-D-glycero-D-galacto-octitol
3 non-polymer (1S)-4-acetamido-1,5-anhydro-2,4-dideoxy-1-phosphono-D-glycero-D-galacto-octitol
4 non-polymer 'POTASSIUM ION'
5 water water
#
_entity_poly.entity_id   1
_entity_poly.type   'polypeptide(L)'
_entity_poly.pdbx_seq_one_letter_code
;TVEKSVVFKAEGEHFTDQKGNTIVGSGSGGTTKYFRIPAMCTTSKGTIVVFADARHNTASDQSFIDTAAARSTDGGKTWN
KKIAIYNDRVNSKLSRVMDPTCIVANIQGRETILVMVGKWNNNDKTWGAYRDKAPDTDWDLVLYKSTDDGVTFSKVETNI
HDIVTKNGTISAMLGGVGSGLQLNDGKLVFPVQMVRTKNITTVLNTSFIYSTDGITWSLPSGYCEGFGSENNIIEFNASL
VNNIRNSGLRRSFETKDFGKTWTEFPPMDKKVDNRNHGVQGSTITIPSGNKLVAAHSSAQNKNNDYTRSDISLYAHNLYS
GEVKLIDDFYPKVGNASGAGYSCLSYRKNVDKETLYVVYEANGSIEFQDLSRHLPVIKSYN
;
_entity_poly.pdbx_strand_id   A
#
# COMPACT_ATOMS: atom_id res chain seq x y z
N THR A 1 -8.20 -3.49 -18.87
CA THR A 1 -9.01 -3.83 -20.06
C THR A 1 -9.50 -5.27 -19.95
N VAL A 2 -8.59 -6.21 -19.69
CA VAL A 2 -9.00 -7.60 -19.50
C VAL A 2 -9.81 -7.52 -18.21
N GLU A 3 -10.78 -8.40 -18.04
CA GLU A 3 -11.58 -8.34 -16.82
C GLU A 3 -10.85 -8.87 -15.60
N LYS A 4 -10.06 -9.92 -15.77
CA LYS A 4 -9.36 -10.53 -14.63
C LYS A 4 -8.15 -11.37 -15.06
N SER A 5 -7.06 -11.27 -14.29
CA SER A 5 -5.86 -12.02 -14.60
C SER A 5 -5.03 -12.27 -13.35
N VAL A 6 -4.09 -13.20 -13.44
CA VAL A 6 -3.21 -13.50 -12.30
C VAL A 6 -1.91 -12.73 -12.56
N VAL A 7 -1.54 -11.86 -11.64
CA VAL A 7 -0.32 -11.08 -11.81
C VAL A 7 0.89 -11.90 -11.39
N PHE A 8 0.85 -12.42 -10.16
CA PHE A 8 1.93 -13.24 -9.63
C PHE A 8 1.32 -14.54 -9.17
N LYS A 9 1.84 -15.66 -9.65
CA LYS A 9 1.29 -16.96 -9.29
C LYS A 9 2.10 -17.65 -8.20
N ALA A 10 1.42 -17.97 -7.10
CA ALA A 10 2.05 -18.66 -5.99
C ALA A 10 2.63 -19.96 -6.54
N GLU A 11 3.89 -20.22 -6.22
CA GLU A 11 4.60 -21.41 -6.68
C GLU A 11 4.63 -21.54 -8.21
N GLY A 12 4.55 -20.41 -8.90
CA GLY A 12 4.58 -20.42 -10.34
C GLY A 12 5.49 -19.37 -10.98
N GLU A 13 6.26 -18.65 -10.17
CA GLU A 13 7.17 -17.62 -10.69
C GLU A 13 8.62 -17.93 -10.35
N HIS A 14 9.54 -17.61 -11.27
CA HIS A 14 10.98 -17.78 -11.04
C HIS A 14 11.62 -16.42 -11.26
N PHE A 15 12.38 -15.94 -10.29
CA PHE A 15 13.05 -14.64 -10.41
C PHE A 15 14.57 -14.85 -10.37
N THR A 16 15.31 -13.89 -10.89
CA THR A 16 16.77 -13.96 -10.87
C THR A 16 17.31 -12.79 -10.03
N ASP A 17 18.46 -13.00 -9.38
CA ASP A 17 19.06 -11.96 -8.56
C ASP A 17 19.86 -10.99 -9.44
N GLN A 18 20.57 -10.05 -8.80
CA GLN A 18 21.36 -9.06 -9.51
C GLN A 18 22.43 -9.65 -10.44
N LYS A 19 22.95 -10.83 -10.10
CA LYS A 19 23.96 -11.47 -10.93
C LYS A 19 23.38 -12.35 -12.03
N GLY A 20 22.05 -12.42 -12.12
CA GLY A 20 21.45 -13.25 -13.15
C GLY A 20 21.21 -14.69 -12.75
N ASN A 21 21.46 -15.02 -11.48
CA ASN A 21 21.24 -16.39 -10.99
C ASN A 21 19.81 -16.50 -10.49
N THR A 22 19.21 -17.67 -10.65
CA THR A 22 17.84 -17.88 -10.22
C THR A 22 17.72 -17.94 -8.69
N ILE A 23 16.65 -17.34 -8.16
CA ILE A 23 16.37 -17.33 -6.74
C ILE A 23 15.54 -18.60 -6.50
N VAL A 24 16.14 -19.56 -5.81
CA VAL A 24 15.45 -20.83 -5.53
C VAL A 24 14.58 -20.72 -4.28
N GLY A 25 13.28 -20.56 -4.50
CA GLY A 25 12.34 -20.44 -3.41
C GLY A 25 11.85 -21.80 -2.93
N SER A 26 10.91 -21.79 -1.98
CA SER A 26 10.36 -23.04 -1.43
C SER A 26 9.17 -23.58 -2.19
N GLY A 27 8.75 -22.86 -3.24
CA GLY A 27 7.64 -23.32 -4.03
C GLY A 27 8.05 -24.52 -4.88
N SER A 28 7.07 -25.14 -5.53
CA SER A 28 7.33 -26.29 -6.37
C SER A 28 8.28 -25.90 -7.49
N GLY A 29 9.32 -26.72 -7.66
CA GLY A 29 10.31 -26.48 -8.69
C GLY A 29 11.19 -25.31 -8.32
N GLY A 30 11.26 -24.99 -7.03
CA GLY A 30 12.08 -23.89 -6.57
C GLY A 30 11.55 -22.51 -6.89
N THR A 31 10.23 -22.41 -7.01
CA THR A 31 9.57 -21.15 -7.32
C THR A 31 9.35 -20.35 -6.04
N THR A 32 8.97 -19.08 -6.22
CA THR A 32 8.65 -18.22 -5.08
C THR A 32 7.38 -18.80 -4.47
N LYS A 33 7.44 -19.04 -3.18
CA LYS A 33 6.35 -19.66 -2.42
C LYS A 33 5.04 -18.88 -2.28
N TYR A 34 5.13 -17.60 -1.95
CA TYR A 34 3.91 -16.83 -1.68
C TYR A 34 4.11 -15.37 -2.02
N PHE A 35 3.02 -14.71 -2.40
CA PHE A 35 3.05 -13.28 -2.72
C PHE A 35 2.06 -12.57 -1.79
N ARG A 36 2.45 -11.40 -1.31
CA ARG A 36 1.60 -10.62 -0.42
C ARG A 36 1.76 -9.11 -0.62
N ILE A 37 0.84 -8.36 -0.01
CA ILE A 37 0.85 -6.90 0.01
C ILE A 37 0.97 -6.25 -1.36
N PRO A 38 -0.08 -6.34 -2.19
CA PRO A 38 -0.02 -5.73 -3.53
C PRO A 38 -0.23 -4.22 -3.48
N ALA A 39 0.49 -3.50 -4.35
CA ALA A 39 0.39 -2.06 -4.46
C ALA A 39 0.36 -1.82 -5.96
N MET A 40 -0.45 -0.87 -6.41
CA MET A 40 -0.55 -0.67 -7.83
C MET A 40 -0.66 0.80 -8.19
N CYS A 41 -0.13 1.13 -9.36
CA CYS A 41 -0.09 2.49 -9.83
C CYS A 41 -0.33 2.41 -11.37
N THR A 42 -1.15 3.32 -11.94
CA THR A 42 -1.41 3.35 -13.39
C THR A 42 -0.82 4.67 -13.91
N THR A 43 -0.09 4.63 -15.02
CA THR A 43 0.54 5.85 -15.55
C THR A 43 -0.28 6.54 -16.65
N SER A 44 0.18 7.71 -17.08
CA SER A 44 -0.49 8.50 -18.12
C SER A 44 -0.46 7.77 -19.44
N LYS A 45 0.38 6.74 -19.55
CA LYS A 45 0.46 5.96 -20.77
C LYS A 45 -0.48 4.76 -20.72
N GLY A 46 -1.19 4.61 -19.60
CA GLY A 46 -2.11 3.51 -19.44
C GLY A 46 -1.42 2.26 -18.90
N THR A 47 -0.14 2.41 -18.58
CA THR A 47 0.65 1.29 -18.06
C THR A 47 0.27 0.99 -16.62
N ILE A 48 0.13 -0.30 -16.33
CA ILE A 48 -0.22 -0.77 -15.01
C ILE A 48 1.03 -1.37 -14.40
N VAL A 49 1.42 -0.89 -13.23
CA VAL A 49 2.60 -1.41 -12.54
C VAL A 49 2.13 -1.92 -11.19
N VAL A 50 2.45 -3.18 -10.91
CA VAL A 50 2.06 -3.82 -9.67
C VAL A 50 3.30 -4.26 -8.88
N PHE A 51 3.31 -3.95 -7.59
CA PHE A 51 4.39 -4.34 -6.69
C PHE A 51 3.80 -5.31 -5.68
N ALA A 52 4.63 -6.20 -5.16
CA ALA A 52 4.19 -7.15 -4.14
C ALA A 52 5.39 -7.84 -3.49
N ASP A 53 5.21 -8.26 -2.24
CA ASP A 53 6.25 -8.99 -1.53
C ASP A 53 6.36 -10.33 -2.22
N ALA A 54 7.58 -10.69 -2.62
CA ALA A 54 7.82 -11.99 -3.20
C ALA A 54 8.42 -12.74 -2.00
N ARG A 55 7.55 -13.38 -1.21
CA ARG A 55 7.98 -14.12 -0.02
C ARG A 55 8.39 -15.52 -0.49
N HIS A 56 9.63 -15.60 -0.94
CA HIS A 56 10.21 -16.80 -1.49
C HIS A 56 10.10 -18.13 -0.78
N ASN A 57 10.20 -18.12 0.55
CA ASN A 57 10.18 -19.35 1.33
C ASN A 57 8.95 -19.62 2.15
N THR A 58 8.32 -18.57 2.67
CA THR A 58 7.14 -18.72 3.52
C THR A 58 6.31 -17.46 3.47
N ALA A 59 5.05 -17.56 3.90
CA ALA A 59 4.16 -16.42 3.95
C ALA A 59 4.40 -15.62 5.23
N SER A 60 5.21 -16.13 6.14
CA SER A 60 5.47 -15.42 7.39
C SER A 60 6.17 -14.08 7.14
N ASP A 61 5.84 -13.11 7.98
CA ASP A 61 6.40 -11.76 7.87
C ASP A 61 7.91 -11.72 8.00
N GLN A 62 8.46 -12.41 9.00
CA GLN A 62 9.91 -12.43 9.19
C GLN A 62 10.47 -13.58 8.38
N SER A 63 10.74 -13.31 7.12
CA SER A 63 11.29 -14.32 6.23
C SER A 63 12.06 -13.63 5.10
N PHE A 64 12.57 -14.41 4.16
CA PHE A 64 13.36 -13.92 3.04
C PHE A 64 12.42 -13.34 1.97
N ILE A 65 12.44 -12.01 1.81
CA ILE A 65 11.53 -11.34 0.87
C ILE A 65 12.18 -10.26 0.00
N ASP A 66 11.75 -10.21 -1.26
CA ASP A 66 12.20 -9.21 -2.24
C ASP A 66 10.93 -8.52 -2.76
N THR A 67 11.06 -7.31 -3.29
CA THR A 67 9.88 -6.64 -3.84
C THR A 67 9.81 -6.92 -5.34
N ALA A 68 8.75 -7.60 -5.75
CA ALA A 68 8.57 -7.92 -7.16
C ALA A 68 7.75 -6.82 -7.81
N ALA A 69 7.91 -6.65 -9.12
CA ALA A 69 7.17 -5.66 -9.88
C ALA A 69 6.71 -6.34 -11.16
N ALA A 70 5.48 -6.06 -11.56
CA ALA A 70 4.91 -6.61 -12.78
C ALA A 70 4.40 -5.40 -13.55
N ARG A 71 4.62 -5.40 -14.86
CA ARG A 71 4.18 -4.29 -15.68
C ARG A 71 3.35 -4.78 -16.84
N SER A 72 2.22 -4.12 -17.09
CA SER A 72 1.34 -4.50 -18.20
C SER A 72 1.02 -3.27 -19.02
N THR A 73 1.21 -3.40 -20.34
CA THR A 73 0.92 -2.32 -21.27
C THR A 73 -0.26 -2.67 -22.17
N ASP A 74 -0.89 -3.82 -21.93
CA ASP A 74 -2.04 -4.24 -22.73
C ASP A 74 -3.33 -4.40 -21.90
N GLY A 75 -3.50 -3.52 -20.93
CA GLY A 75 -4.70 -3.54 -20.10
C GLY A 75 -4.83 -4.64 -19.06
N GLY A 76 -3.72 -5.24 -18.66
CA GLY A 76 -3.75 -6.29 -17.66
C GLY A 76 -3.87 -7.71 -18.18
N LYS A 77 -3.69 -7.90 -19.48
CA LYS A 77 -3.78 -9.22 -20.08
C LYS A 77 -2.48 -10.01 -19.89
N THR A 78 -1.34 -9.38 -20.13
CA THR A 78 -0.06 -10.05 -19.96
C THR A 78 0.83 -9.20 -19.05
N TRP A 79 1.76 -9.85 -18.36
CA TRP A 79 2.61 -9.16 -17.42
C TRP A 79 4.08 -9.48 -17.58
N ASN A 80 4.90 -8.45 -17.50
CA ASN A 80 6.36 -8.59 -17.60
C ASN A 80 6.74 -8.46 -16.13
N LYS A 81 7.46 -9.44 -15.60
CA LYS A 81 7.80 -9.43 -14.19
C LYS A 81 9.29 -9.43 -13.90
N LYS A 82 9.64 -8.92 -12.73
CA LYS A 82 11.02 -8.89 -12.27
C LYS A 82 11.09 -8.36 -10.85
N ILE A 83 12.26 -8.46 -10.23
CA ILE A 83 12.44 -7.95 -8.89
C ILE A 83 12.82 -6.47 -9.01
N ALA A 84 12.07 -5.60 -8.34
CA ALA A 84 12.34 -4.17 -8.37
C ALA A 84 13.32 -3.76 -7.28
N ILE A 85 13.19 -4.36 -6.11
CA ILE A 85 14.07 -4.04 -4.99
C ILE A 85 14.51 -5.35 -4.33
N TYR A 86 15.82 -5.54 -4.21
CA TYR A 86 16.36 -6.75 -3.57
C TYR A 86 16.70 -6.48 -2.11
N ASN A 87 16.48 -7.47 -1.25
CA ASN A 87 16.83 -7.30 0.15
C ASN A 87 18.36 -7.35 0.21
N ASP A 88 18.93 -6.94 1.34
CA ASP A 88 20.39 -6.91 1.52
C ASP A 88 21.11 -8.25 1.46
N ARG A 89 20.38 -9.34 1.64
CA ARG A 89 20.93 -10.69 1.61
C ARG A 89 22.02 -10.92 2.66
N VAL A 90 21.79 -10.38 3.85
CA VAL A 90 22.72 -10.52 4.96
C VAL A 90 22.42 -11.86 5.63
N ASN A 91 21.13 -12.13 5.81
CA ASN A 91 20.65 -13.33 6.48
C ASN A 91 19.73 -14.07 5.48
N SER A 92 20.11 -15.27 5.06
CA SER A 92 19.32 -16.02 4.09
C SER A 92 17.92 -16.42 4.56
N LYS A 93 17.68 -16.30 5.85
CA LYS A 93 16.40 -16.66 6.43
C LYS A 93 15.53 -15.46 6.77
N LEU A 94 16.14 -14.33 7.09
CA LEU A 94 15.39 -13.16 7.51
C LEU A 94 15.52 -11.85 6.73
N SER A 95 16.49 -11.74 5.83
CA SER A 95 16.67 -10.50 5.07
C SER A 95 15.42 -10.20 4.26
N ARG A 96 14.93 -8.97 4.34
CA ARG A 96 13.72 -8.64 3.63
C ARG A 96 13.47 -7.16 3.35
N VAL A 97 12.68 -6.92 2.31
CA VAL A 97 12.19 -5.59 1.95
C VAL A 97 10.70 -5.93 1.86
N MET A 98 9.85 -5.17 2.55
CA MET A 98 8.42 -5.50 2.57
C MET A 98 7.42 -4.36 2.73
N ASP A 99 6.16 -4.70 2.49
CA ASP A 99 5.00 -3.79 2.61
C ASP A 99 5.10 -2.56 1.73
N PRO A 100 5.01 -2.75 0.41
CA PRO A 100 5.09 -1.60 -0.50
C PRO A 100 3.94 -0.60 -0.50
N THR A 101 4.31 0.66 -0.77
CA THR A 101 3.38 1.77 -0.91
C THR A 101 3.95 2.52 -2.12
N CYS A 102 3.13 2.74 -3.15
CA CYS A 102 3.63 3.42 -4.34
C CYS A 102 2.87 4.71 -4.62
N ILE A 103 3.46 5.54 -5.47
CA ILE A 103 2.85 6.79 -5.88
C ILE A 103 3.23 6.97 -7.33
N VAL A 104 2.28 7.39 -8.16
CA VAL A 104 2.58 7.70 -9.54
C VAL A 104 2.36 9.21 -9.51
N ALA A 105 3.36 9.97 -9.91
CA ALA A 105 3.23 11.42 -9.86
C ALA A 105 4.02 12.13 -10.93
N ASN A 106 3.78 13.43 -11.07
CA ASN A 106 4.52 14.23 -12.02
C ASN A 106 5.32 15.18 -11.16
N ILE A 107 6.61 14.92 -11.05
CA ILE A 107 7.50 15.72 -10.23
C ILE A 107 8.27 16.70 -11.10
N GLN A 108 7.89 17.97 -11.00
CA GLN A 108 8.51 19.05 -11.78
C GLN A 108 8.43 18.69 -13.26
N GLY A 109 7.27 18.22 -13.69
CA GLY A 109 7.08 17.84 -15.08
C GLY A 109 7.43 16.42 -15.49
N ARG A 110 8.17 15.68 -14.67
CA ARG A 110 8.54 14.30 -15.00
C ARG A 110 7.63 13.28 -14.33
N GLU A 111 7.02 12.41 -15.12
CA GLU A 111 6.15 11.38 -14.56
C GLU A 111 7.06 10.33 -13.91
N THR A 112 6.87 10.15 -12.61
CA THR A 112 7.68 9.25 -11.82
C THR A 112 6.82 8.29 -11.01
N ILE A 113 7.32 7.07 -10.86
CA ILE A 113 6.67 6.07 -10.04
C ILE A 113 7.62 5.88 -8.83
N LEU A 114 7.10 6.09 -7.62
CA LEU A 114 7.90 5.94 -6.41
C LEU A 114 7.38 4.71 -5.65
N VAL A 115 8.31 3.94 -5.07
CA VAL A 115 7.95 2.75 -4.28
C VAL A 115 8.75 2.81 -3.00
N MET A 116 8.07 2.68 -1.87
CA MET A 116 8.71 2.73 -0.58
C MET A 116 8.45 1.44 0.20
N VAL A 117 9.53 0.82 0.68
CA VAL A 117 9.41 -0.43 1.44
C VAL A 117 10.26 -0.39 2.71
N GLY A 118 9.87 -1.19 3.69
CA GLY A 118 10.62 -1.28 4.93
C GLY A 118 11.69 -2.33 4.70
N LYS A 119 12.83 -2.17 5.37
CA LYS A 119 13.94 -3.12 5.20
C LYS A 119 14.50 -3.56 6.55
N TRP A 120 14.63 -4.87 6.71
CA TRP A 120 15.17 -5.47 7.93
C TRP A 120 16.12 -6.58 7.51
N ASN A 121 17.00 -6.99 8.43
CA ASN A 121 17.93 -8.05 8.11
C ASN A 121 18.04 -9.15 9.17
N ASN A 122 18.19 -8.75 10.43
CA ASN A 122 18.35 -9.73 11.50
C ASN A 122 17.22 -9.81 12.51
N ASN A 123 16.25 -8.91 12.42
CA ASN A 123 15.13 -8.95 13.36
C ASN A 123 14.29 -10.18 13.08
N ASP A 124 14.05 -10.99 14.10
CA ASP A 124 13.26 -12.20 13.91
C ASP A 124 11.87 -12.08 14.51
N LYS A 125 11.56 -10.93 15.10
CA LYS A 125 10.25 -10.69 15.68
C LYS A 125 9.51 -9.62 14.90
N THR A 126 8.22 -9.48 15.17
CA THR A 126 7.40 -8.48 14.49
C THR A 126 7.96 -7.08 14.78
N TRP A 127 7.96 -6.21 13.78
CA TRP A 127 8.52 -4.87 13.95
C TRP A 127 8.03 -4.06 15.16
N GLY A 128 6.80 -4.31 15.61
CA GLY A 128 6.28 -3.57 16.75
C GLY A 128 6.91 -3.96 18.07
N ALA A 129 7.74 -4.99 18.06
CA ALA A 129 8.39 -5.44 19.28
C ALA A 129 9.68 -4.68 19.61
N TYR A 130 10.20 -3.95 18.64
CA TYR A 130 11.46 -3.23 18.83
C TYR A 130 11.22 -1.77 19.15
N ARG A 131 11.26 -1.43 20.43
CA ARG A 131 11.01 -0.05 20.86
C ARG A 131 12.07 0.54 21.78
N ASP A 132 13.22 -0.13 21.88
CA ASP A 132 14.29 0.36 22.75
C ASP A 132 15.12 1.45 22.10
N LYS A 133 15.27 1.38 20.78
CA LYS A 133 16.10 2.33 20.07
C LYS A 133 15.35 3.35 19.22
N ALA A 134 15.98 4.50 19.02
CA ALA A 134 15.40 5.55 18.21
C ALA A 134 16.41 6.00 17.17
N PRO A 135 16.41 5.36 16.00
CA PRO A 135 15.50 4.27 15.64
C PRO A 135 16.18 2.91 15.81
N ASP A 136 15.44 1.85 15.51
CA ASP A 136 15.96 0.49 15.58
C ASP A 136 17.11 0.42 14.57
N THR A 137 18.23 -0.17 14.98
CA THR A 137 19.39 -0.28 14.11
C THR A 137 19.25 -1.26 12.96
N ASP A 138 18.31 -2.18 13.05
CA ASP A 138 18.11 -3.15 11.99
C ASP A 138 17.21 -2.62 10.90
N TRP A 139 16.43 -1.60 11.24
CA TRP A 139 15.48 -0.99 10.33
C TRP A 139 15.96 0.06 9.37
N ASP A 140 15.28 0.14 8.23
CA ASP A 140 15.48 1.21 7.26
C ASP A 140 14.26 1.26 6.36
N LEU A 141 13.99 2.44 5.81
CA LEU A 141 12.86 2.66 4.94
C LEU A 141 13.46 3.19 3.64
N VAL A 142 13.44 2.36 2.60
CA VAL A 142 14.02 2.75 1.33
C VAL A 142 13.00 3.15 0.27
N LEU A 143 13.43 4.01 -0.64
CA LEU A 143 12.59 4.55 -1.69
C LEU A 143 13.28 4.34 -3.02
N TYR A 144 12.53 3.82 -3.98
CA TYR A 144 13.04 3.59 -5.33
C TYR A 144 12.12 4.35 -6.28
N LYS A 145 12.64 4.71 -7.44
CA LYS A 145 11.83 5.45 -8.40
C LYS A 145 12.07 4.96 -9.82
N SER A 146 11.07 5.18 -10.66
CA SER A 146 11.15 4.82 -12.07
C SER A 146 10.74 6.06 -12.84
N THR A 147 11.55 6.38 -13.83
CA THR A 147 11.32 7.54 -14.65
C THR A 147 11.11 7.11 -16.11
N ASP A 148 11.08 5.80 -16.31
CA ASP A 148 10.87 5.24 -17.63
C ASP A 148 9.62 4.36 -17.73
N ASP A 149 8.53 4.80 -17.08
CA ASP A 149 7.26 4.08 -17.11
C ASP A 149 7.26 2.69 -16.46
N GLY A 150 8.00 2.55 -15.36
CA GLY A 150 8.06 1.28 -14.66
C GLY A 150 9.01 0.21 -15.15
N VAL A 151 9.86 0.54 -16.12
CA VAL A 151 10.80 -0.43 -16.67
C VAL A 151 12.01 -0.70 -15.77
N THR A 152 12.60 0.36 -15.22
CA THR A 152 13.75 0.21 -14.34
C THR A 152 13.56 1.08 -13.11
N PHE A 153 14.06 0.61 -11.98
CA PHE A 153 13.94 1.33 -10.72
C PHE A 153 15.33 1.61 -10.15
N SER A 154 15.47 2.76 -9.49
CA SER A 154 16.75 3.15 -8.90
C SER A 154 16.50 3.63 -7.49
N LYS A 155 17.46 3.40 -6.60
CA LYS A 155 17.32 3.87 -5.24
C LYS A 155 17.42 5.38 -5.20
N VAL A 156 16.60 6.00 -4.36
CA VAL A 156 16.61 7.43 -4.19
C VAL A 156 17.31 7.70 -2.86
N GLU A 157 18.33 8.56 -2.90
CA GLU A 157 19.07 8.94 -1.71
C GLU A 157 18.25 10.02 -1.06
N THR A 158 17.64 9.64 0.03
CA THR A 158 16.69 10.44 0.78
C THR A 158 17.17 10.85 2.17
N ASN A 159 16.44 11.74 2.83
CA ASN A 159 16.76 12.16 4.21
C ASN A 159 15.78 11.54 5.20
N ILE A 160 15.04 10.53 4.76
CA ILE A 160 14.05 9.88 5.62
C ILE A 160 14.63 9.30 6.91
N HIS A 161 15.77 8.63 6.82
CA HIS A 161 16.38 8.08 8.03
C HIS A 161 16.75 9.22 8.99
N ASP A 162 17.22 10.34 8.42
CA ASP A 162 17.60 11.52 9.20
C ASP A 162 16.44 12.13 9.99
N ILE A 163 15.29 12.34 9.32
CA ILE A 163 14.14 12.95 9.99
C ILE A 163 13.58 12.07 11.11
N VAL A 164 13.62 10.77 10.90
CA VAL A 164 13.15 9.84 11.91
C VAL A 164 14.11 9.94 13.11
N THR A 165 15.41 9.88 12.85
CA THR A 165 16.41 9.97 13.92
C THR A 165 16.29 11.30 14.67
N LYS A 166 16.15 12.39 13.92
CA LYS A 166 16.01 13.72 14.52
C LYS A 166 14.78 13.82 15.43
N ASN A 167 13.71 13.14 15.05
CA ASN A 167 12.47 13.16 15.84
C ASN A 167 12.76 12.59 17.23
N GLY A 168 13.48 11.48 17.27
CA GLY A 168 13.87 10.88 18.53
C GLY A 168 12.85 10.09 19.35
N THR A 169 11.65 9.90 18.82
CA THR A 169 10.64 9.13 19.56
C THR A 169 10.04 8.05 18.65
N ILE A 170 10.71 7.79 17.54
CA ILE A 170 10.25 6.79 16.58
C ILE A 170 11.26 5.67 16.45
N SER A 171 10.83 4.44 16.72
CA SER A 171 11.71 3.28 16.62
C SER A 171 11.81 2.82 15.17
N ALA A 172 10.68 2.86 14.45
CA ALA A 172 10.63 2.45 13.05
C ALA A 172 9.43 3.10 12.36
N MET A 173 9.51 3.23 11.04
CA MET A 173 8.44 3.84 10.26
C MET A 173 8.27 3.02 8.99
N LEU A 174 7.04 3.00 8.48
CA LEU A 174 6.70 2.25 7.27
C LEU A 174 5.59 3.00 6.51
N GLY A 175 5.46 2.74 5.22
CA GLY A 175 4.40 3.36 4.43
C GLY A 175 3.06 2.80 4.89
N GLY A 176 1.97 3.48 4.57
CA GLY A 176 0.65 3.03 4.97
C GLY A 176 0.13 1.79 4.26
N VAL A 177 0.84 1.37 3.22
CA VAL A 177 0.55 0.20 2.39
C VAL A 177 -0.48 0.50 1.29
N GLY A 178 -0.09 0.16 0.06
CA GLY A 178 -0.97 0.39 -1.07
C GLY A 178 -0.46 1.57 -1.90
N SER A 179 -1.14 2.69 -1.81
CA SER A 179 -0.72 3.85 -2.59
C SER A 179 -0.78 5.16 -1.82
N GLY A 180 0.13 6.07 -2.16
CA GLY A 180 0.14 7.38 -1.54
C GLY A 180 -0.46 8.30 -2.58
N LEU A 181 -0.22 9.60 -2.49
CA LEU A 181 -0.80 10.52 -3.47
C LEU A 181 -0.06 11.82 -3.68
N GLN A 182 -0.37 12.47 -4.79
CA GLN A 182 0.20 13.77 -5.12
C GLN A 182 -0.94 14.76 -4.89
N LEU A 183 -0.72 15.75 -4.04
CA LEU A 183 -1.73 16.75 -3.75
C LEU A 183 -1.93 17.69 -4.93
N ASN A 184 -2.95 18.53 -4.84
CA ASN A 184 -3.24 19.49 -5.88
C ASN A 184 -2.13 20.49 -6.12
N ASP A 185 -1.42 20.83 -5.05
CA ASP A 185 -0.31 21.77 -5.16
C ASP A 185 0.95 21.09 -5.69
N GLY A 186 0.88 19.77 -5.92
CA GLY A 186 2.04 19.06 -6.45
C GLY A 186 2.87 18.30 -5.42
N LYS A 187 2.62 18.52 -4.15
CA LYS A 187 3.38 17.81 -3.11
C LYS A 187 3.06 16.32 -3.09
N LEU A 188 4.09 15.52 -2.82
CA LEU A 188 3.96 14.06 -2.75
C LEU A 188 3.64 13.73 -1.30
N VAL A 189 2.72 12.82 -1.08
CA VAL A 189 2.37 12.44 0.29
C VAL A 189 2.30 10.92 0.45
N PHE A 190 3.09 10.42 1.40
CA PHE A 190 3.08 8.99 1.71
C PHE A 190 2.46 8.84 3.07
N PRO A 191 1.32 8.13 3.17
CA PRO A 191 0.75 7.95 4.51
C PRO A 191 1.75 7.03 5.22
N VAL A 192 1.93 7.20 6.53
CA VAL A 192 2.89 6.34 7.23
C VAL A 192 2.34 5.77 8.54
N GLN A 193 2.98 4.69 8.98
CA GLN A 193 2.66 4.04 10.24
C GLN A 193 3.98 4.16 10.99
N MET A 194 3.94 4.30 12.31
CA MET A 194 5.17 4.38 13.07
C MET A 194 5.06 3.75 14.44
N VAL A 195 6.12 3.06 14.82
CA VAL A 195 6.22 2.43 16.13
C VAL A 195 7.02 3.44 16.95
N ARG A 196 6.44 3.88 18.06
CA ARG A 196 7.09 4.85 18.93
C ARG A 196 8.03 4.16 19.89
N THR A 197 8.92 4.93 20.51
CA THR A 197 9.85 4.38 21.47
C THR A 197 9.11 3.95 22.74
N LYS A 198 9.72 3.04 23.48
CA LYS A 198 9.17 2.48 24.71
C LYS A 198 8.57 3.47 25.70
N ASN A 199 9.17 4.65 25.80
CA ASN A 199 8.67 5.65 26.75
C ASN A 199 7.34 6.30 26.35
N ILE A 200 7.01 6.27 25.07
CA ILE A 200 5.76 6.87 24.59
C ILE A 200 4.60 5.92 24.93
N THR A 201 3.54 6.46 25.54
CA THR A 201 2.40 5.63 25.93
C THR A 201 1.78 4.91 24.74
N THR A 202 1.57 5.63 23.64
CA THR A 202 0.99 5.03 22.45
C THR A 202 2.07 4.32 21.65
N VAL A 203 1.89 3.01 21.46
CA VAL A 203 2.83 2.19 20.71
C VAL A 203 2.89 2.55 19.22
N LEU A 204 1.72 2.77 18.63
CA LEU A 204 1.63 3.09 17.20
C LEU A 204 0.94 4.40 16.96
N ASN A 205 1.29 5.05 15.86
CA ASN A 205 0.68 6.30 15.45
C ASN A 205 0.66 6.31 13.93
N THR A 206 -0.18 7.15 13.37
CA THR A 206 -0.24 7.32 11.93
C THR A 206 0.06 8.78 11.65
N SER A 207 0.57 9.04 10.46
CA SER A 207 0.89 10.41 10.04
C SER A 207 1.20 10.30 8.57
N PHE A 208 2.04 11.20 8.07
CA PHE A 208 2.43 11.15 6.68
C PHE A 208 3.73 11.91 6.52
N ILE A 209 4.43 11.67 5.41
CA ILE A 209 5.63 12.41 5.09
C ILE A 209 5.34 13.05 3.74
N TYR A 210 5.87 14.24 3.53
CA TYR A 210 5.63 14.95 2.29
C TYR A 210 6.92 15.50 1.71
N SER A 211 6.89 15.75 0.41
CA SER A 211 8.04 16.25 -0.30
C SER A 211 7.60 16.92 -1.58
N THR A 212 8.44 17.81 -2.10
CA THR A 212 8.14 18.49 -3.34
C THR A 212 8.92 17.79 -4.45
N ASP A 213 10.14 17.36 -4.15
CA ASP A 213 10.96 16.69 -5.17
C ASP A 213 11.12 15.18 -5.03
N GLY A 214 10.68 14.62 -3.91
CA GLY A 214 10.82 13.18 -3.73
C GLY A 214 12.16 12.77 -3.11
N ILE A 215 12.99 13.74 -2.81
CA ILE A 215 14.32 13.51 -2.23
C ILE A 215 14.36 14.00 -0.79
N THR A 216 13.94 15.24 -0.56
CA THR A 216 13.91 15.77 0.79
C THR A 216 12.49 15.64 1.33
N TRP A 217 12.34 14.89 2.40
CA TRP A 217 11.04 14.65 3.00
C TRP A 217 10.90 15.31 4.36
N SER A 218 9.66 15.58 4.76
CA SER A 218 9.35 16.19 6.04
C SER A 218 8.26 15.41 6.75
N LEU A 219 8.22 15.56 8.07
CA LEU A 219 7.25 14.92 8.93
C LEU A 219 6.51 16.06 9.62
N PRO A 220 5.17 16.02 9.66
CA PRO A 220 4.47 17.10 10.35
C PRO A 220 4.69 16.96 11.86
N SER A 221 4.30 17.98 12.63
CA SER A 221 4.50 17.97 14.08
C SER A 221 3.54 17.10 14.88
N GLY A 222 2.32 16.93 14.39
CA GLY A 222 1.37 16.13 15.12
C GLY A 222 1.35 14.66 14.76
N TYR A 223 0.56 13.89 15.50
CA TYR A 223 0.42 12.45 15.27
C TYR A 223 -1.07 12.10 15.32
N CYS A 224 -1.48 11.13 14.51
CA CYS A 224 -2.86 10.68 14.52
C CYS A 224 -2.85 9.36 15.29
N GLU A 225 -3.95 9.04 15.98
CA GLU A 225 -4.06 7.79 16.73
C GLU A 225 -3.69 6.62 15.80
N GLY A 226 -3.06 5.60 16.36
CA GLY A 226 -2.62 4.48 15.55
C GLY A 226 -3.56 3.39 15.10
N PHE A 227 -4.33 2.84 16.03
CA PHE A 227 -5.23 1.73 15.74
C PHE A 227 -4.44 0.61 15.07
N GLY A 228 -4.87 0.13 13.91
CA GLY A 228 -4.15 -0.94 13.21
C GLY A 228 -3.08 -0.40 12.28
N SER A 229 -2.81 0.89 12.43
CA SER A 229 -1.80 1.67 11.69
C SER A 229 -1.75 1.72 10.16
N GLU A 230 -2.03 0.62 9.46
CA GLU A 230 -2.04 0.66 8.01
C GLU A 230 -3.13 1.66 7.61
N ASN A 231 -2.83 2.55 6.66
CA ASN A 231 -3.81 3.56 6.27
C ASN A 231 -3.51 4.19 4.93
N ASN A 232 -4.51 4.86 4.37
CA ASN A 232 -4.37 5.58 3.11
C ASN A 232 -4.90 6.97 3.38
N ILE A 233 -4.45 7.94 2.60
CA ILE A 233 -4.88 9.33 2.75
C ILE A 233 -5.49 9.83 1.45
N ILE A 234 -6.53 10.66 1.56
CA ILE A 234 -7.15 11.24 0.38
C ILE A 234 -7.21 12.75 0.62
N GLU A 235 -7.21 13.52 -0.46
CA GLU A 235 -7.29 14.97 -0.34
C GLU A 235 -8.75 15.35 -0.58
N PHE A 236 -9.34 16.10 0.34
CA PHE A 236 -10.73 16.51 0.22
C PHE A 236 -10.79 18.00 0.56
N ASN A 237 -10.86 18.83 -0.48
CA ASN A 237 -10.88 20.29 -0.34
C ASN A 237 -9.56 20.71 0.29
N ALA A 238 -9.61 21.39 1.44
CA ALA A 238 -8.39 21.83 2.10
C ALA A 238 -8.11 20.94 3.29
N SER A 239 -8.27 19.63 3.12
CA SER A 239 -8.03 18.69 4.19
C SER A 239 -7.37 17.43 3.68
N LEU A 240 -6.72 16.72 4.59
CA LEU A 240 -6.12 15.43 4.28
C LEU A 240 -6.94 14.54 5.17
N VAL A 241 -7.48 13.47 4.60
CA VAL A 241 -8.31 12.55 5.37
C VAL A 241 -7.74 11.15 5.25
N ASN A 242 -7.57 10.47 6.38
CA ASN A 242 -7.03 9.13 6.31
C ASN A 242 -8.08 8.06 6.57
N ASN A 243 -7.75 6.83 6.24
CA ASN A 243 -8.66 5.68 6.42
C ASN A 243 -7.75 4.58 6.97
N ILE A 244 -7.95 4.29 8.24
CA ILE A 244 -7.10 3.36 8.99
C ILE A 244 -7.65 1.97 9.33
N ARG A 245 -6.76 0.99 9.29
CA ARG A 245 -7.10 -0.37 9.66
C ARG A 245 -7.38 -0.37 11.16
N ASN A 246 -8.32 -1.21 11.58
CA ASN A 246 -8.68 -1.32 13.00
C ASN A 246 -9.44 -2.63 13.16
N SER A 247 -9.25 -3.31 14.28
CA SER A 247 -9.99 -4.54 14.53
C SER A 247 -11.41 -4.09 14.73
N GLY A 248 -12.29 -4.49 13.82
CA GLY A 248 -13.67 -4.08 13.93
C GLY A 248 -13.92 -2.98 12.91
N LEU A 249 -14.45 -1.85 13.36
CA LEU A 249 -14.76 -0.75 12.46
C LEU A 249 -13.54 0.09 12.12
N ARG A 250 -13.40 0.42 10.84
CA ARG A 250 -12.31 1.25 10.34
C ARG A 250 -12.43 2.66 10.90
N ARG A 251 -11.31 3.33 11.04
CA ARG A 251 -11.32 4.69 11.56
C ARG A 251 -10.90 5.67 10.47
N SER A 252 -11.39 6.89 10.57
CA SER A 252 -11.07 7.93 9.59
C SER A 252 -10.99 9.27 10.31
N PHE A 253 -9.88 9.98 10.08
CA PHE A 253 -9.63 11.28 10.69
C PHE A 253 -9.24 12.28 9.61
N GLU A 254 -9.34 13.56 9.90
CA GLU A 254 -8.95 14.57 8.92
C GLU A 254 -8.09 15.63 9.56
N THR A 255 -7.23 16.24 8.77
CA THR A 255 -6.39 17.34 9.24
C THR A 255 -6.74 18.54 8.40
N LYS A 256 -6.96 19.67 9.05
CA LYS A 256 -7.27 20.90 8.33
C LYS A 256 -6.05 21.82 8.44
N ASP A 257 -5.05 21.41 9.22
CA ASP A 257 -3.85 22.21 9.42
C ASP A 257 -2.55 21.48 9.02
N PHE A 258 -2.66 20.63 8.01
CA PHE A 258 -1.53 19.87 7.50
C PHE A 258 -0.72 19.06 8.54
N GLY A 259 -1.36 18.08 9.15
CA GLY A 259 -0.69 17.22 10.09
C GLY A 259 -0.47 17.66 11.53
N LYS A 260 -0.88 18.87 11.92
CA LYS A 260 -0.69 19.28 13.31
C LYS A 260 -1.73 18.67 14.24
N THR A 261 -3.00 18.71 13.86
CA THR A 261 -4.08 18.14 14.68
C THR A 261 -5.00 17.29 13.79
N TRP A 262 -5.63 16.28 14.37
CA TRP A 262 -6.55 15.42 13.62
C TRP A 262 -7.86 15.27 14.39
N THR A 263 -8.98 15.27 13.67
CA THR A 263 -10.29 15.07 14.29
C THR A 263 -10.99 13.99 13.48
N GLU A 264 -11.91 13.24 14.08
CA GLU A 264 -12.58 12.20 13.31
C GLU A 264 -13.39 12.79 12.16
N PHE A 265 -13.39 12.07 11.05
CA PHE A 265 -14.09 12.47 9.83
C PHE A 265 -15.34 11.61 9.76
N PRO A 266 -16.50 12.17 10.19
CA PRO A 266 -17.77 11.42 10.17
C PRO A 266 -18.21 10.67 8.90
N PRO A 267 -18.02 11.25 7.70
CA PRO A 267 -18.44 10.54 6.48
C PRO A 267 -17.83 9.15 6.27
N MET A 268 -16.62 8.91 6.79
CA MET A 268 -15.96 7.61 6.64
C MET A 268 -15.63 6.92 7.96
N ASP A 269 -15.72 7.64 9.08
CA ASP A 269 -15.38 7.04 10.35
C ASP A 269 -16.38 5.97 10.78
N LYS A 270 -15.86 4.79 11.08
CA LYS A 270 -16.65 3.64 11.56
C LYS A 270 -17.74 3.17 10.59
N LYS A 271 -17.49 3.35 9.30
CA LYS A 271 -18.45 2.97 8.26
C LYS A 271 -18.34 1.52 7.75
N VAL A 272 -17.14 0.99 7.67
CA VAL A 272 -16.94 -0.37 7.18
C VAL A 272 -16.38 -1.25 8.30
N ASP A 273 -16.94 -2.45 8.45
CA ASP A 273 -16.53 -3.40 9.48
C ASP A 273 -15.65 -4.49 8.88
N ASN A 274 -14.43 -4.61 9.38
CA ASN A 274 -13.50 -5.64 8.88
C ASN A 274 -13.40 -6.77 9.88
N ARG A 275 -14.09 -6.61 10.99
CA ARG A 275 -14.13 -7.61 12.05
C ARG A 275 -12.76 -7.94 12.68
N ASN A 276 -12.68 -9.08 13.33
CA ASN A 276 -11.49 -9.52 14.04
C ASN A 276 -10.15 -9.28 13.35
N HIS A 277 -9.22 -8.69 14.09
CA HIS A 277 -7.87 -8.36 13.64
C HIS A 277 -7.75 -7.18 12.69
N GLY A 278 -8.76 -6.96 11.85
CA GLY A 278 -8.70 -5.86 10.89
C GLY A 278 -7.88 -6.28 9.68
N VAL A 279 -7.86 -5.45 8.65
CA VAL A 279 -7.10 -5.70 7.44
C VAL A 279 -6.74 -4.35 6.85
N GLN A 280 -5.76 -4.37 5.96
CA GLN A 280 -5.35 -3.20 5.23
C GLN A 280 -6.47 -2.95 4.22
N GLY A 281 -6.70 -1.69 3.89
CA GLY A 281 -7.71 -1.34 2.92
C GLY A 281 -7.20 -0.21 2.05
N SER A 282 -7.69 -0.13 0.83
CA SER A 282 -7.29 0.89 -0.13
C SER A 282 -8.42 1.92 -0.24
N THR A 283 -8.07 3.20 -0.16
CA THR A 283 -9.05 4.27 -0.24
C THR A 283 -8.51 5.36 -1.16
N ILE A 284 -9.26 5.67 -2.21
CA ILE A 284 -8.88 6.69 -3.18
C ILE A 284 -10.11 7.56 -3.48
N THR A 285 -9.92 8.69 -4.16
CA THR A 285 -11.03 9.54 -4.53
C THR A 285 -11.23 9.44 -6.02
N ILE A 286 -12.47 9.63 -6.45
CA ILE A 286 -12.83 9.61 -7.86
C ILE A 286 -13.68 10.85 -8.08
N PRO A 287 -13.33 11.67 -9.08
CA PRO A 287 -14.04 12.91 -9.42
C PRO A 287 -15.38 12.62 -10.10
N SER A 288 -16.40 13.41 -9.77
CA SER A 288 -17.74 13.29 -10.36
C SER A 288 -18.18 14.74 -10.54
N GLY A 289 -18.03 15.27 -11.75
CA GLY A 289 -18.39 16.66 -11.97
C GLY A 289 -17.39 17.47 -11.18
N ASN A 290 -17.87 18.40 -10.37
CA ASN A 290 -16.95 19.19 -9.56
C ASN A 290 -16.95 18.70 -8.12
N LYS A 291 -17.39 17.45 -7.94
CA LYS A 291 -17.43 16.83 -6.61
C LYS A 291 -16.48 15.63 -6.58
N LEU A 292 -16.34 15.03 -5.40
CA LEU A 292 -15.47 13.87 -5.19
C LEU A 292 -16.26 12.75 -4.53
N VAL A 293 -15.84 11.51 -4.78
CA VAL A 293 -16.44 10.33 -4.17
C VAL A 293 -15.25 9.44 -3.76
N ALA A 294 -15.32 8.79 -2.61
CA ALA A 294 -14.24 7.93 -2.18
C ALA A 294 -14.57 6.46 -2.46
N ALA A 295 -13.67 5.76 -3.13
CA ALA A 295 -13.84 4.33 -3.42
C ALA A 295 -12.93 3.63 -2.40
N HIS A 296 -13.39 2.50 -1.86
CA HIS A 296 -12.61 1.81 -0.84
C HIS A 296 -12.71 0.29 -0.98
N SER A 297 -11.62 -0.41 -0.73
CA SER A 297 -11.66 -1.86 -0.77
C SER A 297 -11.03 -2.43 0.49
N SER A 298 -11.70 -3.40 1.08
CA SER A 298 -11.21 -4.10 2.28
C SER A 298 -12.06 -5.34 2.41
N ALA A 299 -11.67 -6.26 3.28
CA ALA A 299 -12.38 -7.52 3.46
C ALA A 299 -13.56 -7.52 4.44
N GLN A 300 -14.64 -8.19 4.05
CA GLN A 300 -15.80 -8.29 4.93
C GLN A 300 -15.49 -9.22 6.10
N ASN A 301 -14.61 -10.20 5.84
CA ASN A 301 -14.17 -11.14 6.86
C ASN A 301 -15.34 -11.84 7.56
N LYS A 302 -16.10 -12.60 6.77
CA LYS A 302 -17.26 -13.31 7.29
C LYS A 302 -16.97 -14.35 8.36
N ASN A 303 -15.77 -14.93 8.33
CA ASN A 303 -15.41 -15.94 9.33
C ASN A 303 -14.87 -15.30 10.61
N ASN A 304 -14.77 -13.97 10.60
CA ASN A 304 -14.31 -13.22 11.76
C ASN A 304 -12.96 -13.72 12.27
N ASP A 305 -12.01 -13.88 11.35
CA ASP A 305 -10.69 -14.37 11.71
C ASP A 305 -9.65 -13.96 10.67
N TYR A 306 -8.50 -14.65 10.63
CA TYR A 306 -7.44 -14.34 9.68
C TYR A 306 -7.70 -14.70 8.22
N THR A 307 -8.82 -15.37 7.92
CA THR A 307 -9.13 -15.74 6.54
C THR A 307 -9.59 -14.56 5.69
N ARG A 308 -10.05 -13.49 6.34
CA ARG A 308 -10.46 -12.26 5.65
C ARG A 308 -11.17 -12.49 4.29
N SER A 309 -12.32 -13.14 4.34
CA SER A 309 -13.08 -13.43 3.13
C SER A 309 -13.75 -12.19 2.55
N ASP A 310 -14.20 -12.34 1.32
CA ASP A 310 -14.97 -11.31 0.65
C ASP A 310 -14.35 -9.91 0.55
N ILE A 311 -13.28 -9.79 -0.22
CA ILE A 311 -12.65 -8.49 -0.42
C ILE A 311 -13.65 -7.74 -1.31
N SER A 312 -14.13 -6.61 -0.80
CA SER A 312 -15.15 -5.84 -1.48
C SER A 312 -14.83 -4.38 -1.76
N LEU A 313 -15.55 -3.83 -2.75
CA LEU A 313 -15.45 -2.45 -3.17
C LEU A 313 -16.65 -1.71 -2.59
N TYR A 314 -16.38 -0.57 -1.94
CA TYR A 314 -17.40 0.27 -1.34
C TYR A 314 -17.26 1.67 -1.91
N ALA A 315 -18.35 2.42 -1.84
CA ALA A 315 -18.36 3.81 -2.28
C ALA A 315 -18.75 4.60 -1.04
N HIS A 316 -18.06 5.71 -0.82
CA HIS A 316 -18.32 6.54 0.33
C HIS A 316 -18.78 7.90 -0.16
N ASN A 317 -19.95 8.31 0.29
CA ASN A 317 -20.48 9.61 -0.07
C ASN A 317 -19.88 10.56 0.96
N LEU A 318 -18.89 11.33 0.53
CA LEU A 318 -18.18 12.27 1.38
C LEU A 318 -19.03 13.40 1.92
N TYR A 319 -20.18 13.64 1.28
CA TYR A 319 -21.06 14.72 1.71
C TYR A 319 -22.14 14.28 2.70
N SER A 320 -22.82 13.18 2.38
CA SER A 320 -23.88 12.67 3.23
C SER A 320 -23.42 11.64 4.27
N GLY A 321 -22.33 10.95 3.98
CA GLY A 321 -21.82 9.93 4.89
C GLY A 321 -22.37 8.55 4.57
N GLU A 322 -23.11 8.43 3.47
CA GLU A 322 -23.68 7.14 3.07
C GLU A 322 -22.58 6.22 2.55
N VAL A 323 -22.74 4.93 2.76
CA VAL A 323 -21.78 3.93 2.30
C VAL A 323 -22.59 2.88 1.56
N LYS A 324 -22.04 2.31 0.50
CA LYS A 324 -22.73 1.28 -0.26
C LYS A 324 -21.73 0.26 -0.77
N LEU A 325 -22.09 -1.02 -0.67
CA LEU A 325 -21.24 -2.08 -1.18
C LEU A 325 -21.49 -2.07 -2.69
N ILE A 326 -20.43 -1.90 -3.46
CA ILE A 326 -20.55 -1.83 -4.91
C ILE A 326 -20.33 -3.18 -5.55
N ASP A 327 -19.35 -3.93 -5.05
CA ASP A 327 -19.02 -5.23 -5.63
C ASP A 327 -18.11 -6.03 -4.72
N ASP A 328 -18.49 -7.27 -4.45
CA ASP A 328 -17.69 -8.19 -3.64
C ASP A 328 -16.87 -8.88 -4.72
N PHE A 329 -15.76 -8.26 -5.12
CA PHE A 329 -14.95 -8.81 -6.20
C PHE A 329 -14.19 -10.10 -5.91
N TYR A 330 -13.95 -10.42 -4.65
CA TYR A 330 -13.30 -11.68 -4.31
C TYR A 330 -14.12 -12.27 -3.17
N PRO A 331 -15.29 -12.85 -3.50
CA PRO A 331 -16.21 -13.45 -2.54
C PRO A 331 -15.77 -14.84 -2.10
N LYS A 332 -14.53 -14.93 -1.64
CA LYS A 332 -13.96 -16.19 -1.22
C LYS A 332 -13.23 -16.06 0.11
N VAL A 333 -13.14 -17.20 0.80
CA VAL A 333 -12.45 -17.27 2.08
C VAL A 333 -10.97 -17.30 1.72
N GLY A 334 -10.19 -16.44 2.36
CA GLY A 334 -8.77 -16.40 2.06
C GLY A 334 -7.93 -17.38 2.86
N ASN A 335 -6.65 -17.46 2.50
CA ASN A 335 -5.70 -18.33 3.15
C ASN A 335 -5.25 -17.63 4.44
N ALA A 336 -5.53 -18.24 5.58
CA ALA A 336 -5.17 -17.67 6.88
C ALA A 336 -3.67 -17.37 7.05
N SER A 337 -2.83 -17.98 6.20
CA SER A 337 -1.38 -17.72 6.23
C SER A 337 -1.07 -16.28 5.82
N GLY A 338 -2.00 -15.65 5.10
CA GLY A 338 -1.82 -14.28 4.66
C GLY A 338 -2.85 -13.97 3.58
N ALA A 339 -3.82 -13.13 3.90
CA ALA A 339 -4.86 -12.81 2.93
C ALA A 339 -5.52 -11.48 3.18
N GLY A 340 -6.42 -11.10 2.27
CA GLY A 340 -7.21 -9.89 2.42
C GLY A 340 -6.76 -8.54 1.90
N TYR A 341 -5.48 -8.39 1.58
CA TYR A 341 -4.97 -7.10 1.11
C TYR A 341 -5.34 -6.74 -0.33
N SER A 342 -5.46 -5.45 -0.58
CA SER A 342 -5.82 -4.99 -1.92
C SER A 342 -5.37 -3.57 -2.19
N CYS A 343 -5.41 -3.19 -3.45
CA CYS A 343 -5.03 -1.85 -3.85
C CYS A 343 -5.80 -1.46 -5.10
N LEU A 344 -6.47 -0.31 -5.01
CA LEU A 344 -7.26 0.25 -6.09
C LEU A 344 -6.43 1.27 -6.84
N SER A 345 -6.78 1.51 -8.11
CA SER A 345 -6.09 2.49 -8.92
C SER A 345 -7.08 3.08 -9.92
N TYR A 346 -7.34 4.37 -9.77
CA TYR A 346 -8.24 5.06 -10.69
C TYR A 346 -7.43 6.03 -11.54
N ARG A 347 -7.80 6.14 -12.79
CA ARG A 347 -7.12 7.07 -13.66
C ARG A 347 -7.99 7.46 -14.83
N LYS A 348 -7.90 8.73 -15.21
CA LYS A 348 -8.62 9.24 -16.35
C LYS A 348 -7.52 9.78 -17.25
N ASN A 349 -7.24 9.07 -18.33
CA ASN A 349 -6.23 9.50 -19.28
C ASN A 349 -7.01 10.03 -20.45
N VAL A 350 -6.83 11.31 -20.74
CA VAL A 350 -7.56 12.01 -21.80
C VAL A 350 -9.06 11.81 -21.50
N ASP A 351 -9.77 10.97 -22.23
CA ASP A 351 -11.19 10.77 -21.93
C ASP A 351 -11.51 9.36 -21.43
N LYS A 352 -10.47 8.56 -21.22
CA LYS A 352 -10.64 7.18 -20.76
C LYS A 352 -10.45 7.00 -19.26
N GLU A 353 -11.51 6.56 -18.58
CA GLU A 353 -11.45 6.31 -17.15
C GLU A 353 -11.31 4.82 -16.91
N THR A 354 -10.52 4.45 -15.91
CA THR A 354 -10.30 3.06 -15.57
C THR A 354 -10.24 2.94 -14.05
N LEU A 355 -10.75 1.84 -13.54
CA LEU A 355 -10.70 1.56 -12.11
C LEU A 355 -10.25 0.11 -12.04
N TYR A 356 -9.06 -0.09 -11.49
CA TYR A 356 -8.47 -1.41 -11.36
C TYR A 356 -8.23 -1.77 -9.90
N VAL A 357 -8.13 -3.07 -9.63
CA VAL A 357 -7.83 -3.58 -8.29
C VAL A 357 -6.84 -4.69 -8.45
N VAL A 358 -6.03 -4.85 -7.42
CA VAL A 358 -5.06 -5.92 -7.36
C VAL A 358 -5.30 -6.41 -5.92
N TYR A 359 -5.34 -7.74 -5.72
CA TYR A 359 -5.60 -8.29 -4.40
C TYR A 359 -4.99 -9.66 -4.17
N GLU A 360 -4.96 -10.06 -2.90
CA GLU A 360 -4.41 -11.35 -2.50
C GLU A 360 -5.44 -12.46 -2.71
N ALA A 361 -5.00 -13.53 -3.36
CA ALA A 361 -5.86 -14.65 -3.67
C ALA A 361 -5.10 -15.96 -3.45
N ASN A 362 -5.18 -16.48 -2.24
CA ASN A 362 -4.53 -17.73 -1.86
C ASN A 362 -3.03 -17.82 -2.26
N GLY A 363 -2.26 -16.82 -1.86
CA GLY A 363 -0.85 -16.81 -2.18
C GLY A 363 -0.46 -16.14 -3.48
N SER A 364 -1.44 -15.93 -4.37
CA SER A 364 -1.20 -15.28 -5.66
C SER A 364 -1.75 -13.87 -5.58
N ILE A 365 -1.43 -13.06 -6.57
CA ILE A 365 -1.92 -11.70 -6.65
C ILE A 365 -2.74 -11.62 -7.92
N GLU A 366 -4.03 -11.32 -7.78
CA GLU A 366 -4.92 -11.21 -8.92
C GLU A 366 -5.26 -9.76 -9.25
N PHE A 367 -5.63 -9.56 -10.52
CA PHE A 367 -5.99 -8.26 -11.05
C PHE A 367 -7.41 -8.34 -11.64
N GLN A 368 -8.19 -7.29 -11.41
CA GLN A 368 -9.54 -7.20 -11.97
C GLN A 368 -9.79 -5.78 -12.44
N ASP A 369 -10.47 -5.67 -13.58
CA ASP A 369 -10.84 -4.37 -14.11
C ASP A 369 -12.25 -4.10 -13.57
N LEU A 370 -12.38 -3.08 -12.73
CA LEU A 370 -13.68 -2.74 -12.15
C LEU A 370 -14.32 -1.50 -12.80
N SER A 371 -13.86 -1.13 -13.98
CA SER A 371 -14.36 0.07 -14.64
C SER A 371 -15.87 0.12 -14.88
N ARG A 372 -16.49 -1.04 -15.03
CA ARG A 372 -17.92 -1.08 -15.27
C ARG A 372 -18.70 -0.52 -14.09
N HIS A 373 -18.06 -0.47 -12.93
CA HIS A 373 -18.70 0.04 -11.72
C HIS A 373 -18.60 1.56 -11.54
N LEU A 374 -17.82 2.25 -12.38
CA LEU A 374 -17.66 3.70 -12.25
C LEU A 374 -18.94 4.54 -12.27
N PRO A 375 -19.90 4.25 -13.18
CA PRO A 375 -21.11 5.08 -13.16
C PRO A 375 -21.81 5.02 -11.81
N VAL A 376 -21.83 3.83 -11.20
CA VAL A 376 -22.51 3.68 -9.92
C VAL A 376 -21.76 4.42 -8.82
N ILE A 377 -20.43 4.29 -8.79
CA ILE A 377 -19.63 4.97 -7.78
C ILE A 377 -19.74 6.48 -7.93
N LYS A 378 -19.57 6.97 -9.15
CA LYS A 378 -19.61 8.40 -9.44
C LYS A 378 -20.93 9.07 -9.13
N SER A 379 -21.99 8.29 -8.95
CA SER A 379 -23.30 8.85 -8.65
C SER A 379 -23.49 9.02 -7.15
N TYR A 380 -22.53 8.50 -6.37
CA TYR A 380 -22.60 8.57 -4.92
C TYR A 380 -22.07 9.87 -4.32
N ASN A 381 -22.74 10.97 -4.62
CA ASN A 381 -22.35 12.27 -4.09
C ASN A 381 -23.55 13.17 -3.86
#